data_9QUU
#
_entry.id   9QUU
#
_cell.length_a   86.102
_cell.length_b   86.102
_cell.length_c   152.835
_cell.angle_alpha   90.000
_cell.angle_beta   90.000
_cell.angle_gamma   90.000
#
_symmetry.space_group_name_H-M   'P 43 21 2'
#
loop_
_entity.id
_entity.type
_entity.pdbx_description
1 polymer 'Triosephosphate isomerase'
2 non-polymer 2-AMINO-2-HYDROXYMETHYL-PROPANE-1,3-DIOL
3 non-polymer 'SODIUM ION'
4 water water
#
_entity_poly.entity_id   1
_entity_poly.type   'polypeptide(L)'
_entity_poly.pdbx_seq_one_letter_code
;MARKPLIAGNWKMNLNHLEAISLVQKIAFSLPEKYFDKVDVTVIPPFTDIRSVQTLIEGDKLLLTYGAQDVSAEDSGAFT
GEISGSMLAKLGCTFVVVGHSERRTLHSEDDAVVLAKTKAALKNGLTPIVCIGEGLNIREAGEHVAYNVAQLRGSLDGLS
ADDIAKVVIAYEPVWAIGTGRVASASDAQEVCGAIREELKELASAEVAAGVRVLYGGSVNAKNVGEIVGQPDVDGALVGG
ASLKADEFATLSAIAAGGPLP
;
_entity_poly.pdbx_strand_id   A,B
#
loop_
_chem_comp.id
_chem_comp.type
_chem_comp.name
_chem_comp.formula
NA non-polymer 'SODIUM ION' 'Na 1'
TRS non-polymer 2-AMINO-2-HYDROXYMETHYL-PROPANE-1,3-DIOL 'C4 H12 N O3 1'
#
# COMPACT_ATOMS: atom_id res chain seq x y z
N ALA A 2 -4.51 -3.00 -35.37
CA ALA A 2 -4.47 -1.56 -35.15
C ALA A 2 -4.27 -1.21 -33.68
N ARG A 3 -3.93 -2.21 -32.85
CA ARG A 3 -3.72 -2.00 -31.42
C ARG A 3 -2.28 -1.56 -31.16
N LYS A 4 -2.12 -0.42 -30.48
CA LYS A 4 -0.79 0.13 -30.22
C LYS A 4 -0.12 -0.65 -29.09
N PRO A 5 1.14 -1.08 -29.26
CA PRO A 5 1.79 -1.88 -28.22
C PRO A 5 1.94 -1.10 -26.92
N LEU A 6 2.00 -1.85 -25.81
CA LEU A 6 2.09 -1.28 -24.47
C LEU A 6 3.11 -2.05 -23.66
N ILE A 7 4.07 -1.34 -23.08
CA ILE A 7 5.08 -1.91 -22.20
C ILE A 7 4.87 -1.32 -20.81
N ALA A 8 4.60 -2.17 -19.83
CA ALA A 8 4.34 -1.72 -18.47
C ALA A 8 5.41 -2.31 -17.55
N GLY A 9 6.19 -1.44 -16.92
CA GLY A 9 7.27 -1.87 -16.07
C GLY A 9 6.87 -1.91 -14.60
N ASN A 10 6.63 -3.13 -14.09
CA ASN A 10 6.23 -3.31 -12.70
C ASN A 10 7.49 -3.40 -11.86
N TRP A 11 7.80 -2.33 -11.12
CA TRP A 11 9.01 -2.32 -10.28
C TRP A 11 8.89 -3.24 -9.09
N LYS A 12 7.67 -3.64 -8.72
CA LYS A 12 7.41 -4.38 -7.49
C LYS A 12 7.97 -3.58 -6.31
N MET A 13 8.48 -4.24 -5.28
CA MET A 13 8.85 -3.53 -4.06
C MET A 13 10.35 -3.23 -4.11
N ASN A 14 10.70 -2.26 -4.95
CA ASN A 14 12.10 -1.89 -5.17
C ASN A 14 12.19 -0.39 -5.42
N LEU A 15 13.27 0.21 -4.88
CA LEU A 15 13.72 1.58 -5.17
C LEU A 15 13.07 2.63 -4.27
N ASN A 16 13.88 3.44 -3.59
CA ASN A 16 13.36 4.58 -2.85
C ASN A 16 13.06 5.72 -3.83
N HIS A 17 12.57 6.85 -3.30
CA HIS A 17 12.09 7.91 -4.20
C HIS A 17 13.24 8.58 -4.95
N LEU A 18 14.45 8.59 -4.39
CA LEU A 18 15.60 9.14 -5.10
C LEU A 18 16.04 8.21 -6.22
N GLU A 19 16.08 6.90 -5.94
CA GLU A 19 16.41 5.94 -6.98
C GLU A 19 15.35 5.90 -8.07
N ALA A 20 14.10 6.16 -7.70
CA ALA A 20 13.03 6.19 -8.70
C ALA A 20 13.29 7.28 -9.73
N ILE A 21 13.64 8.47 -9.26
CA ILE A 21 13.92 9.59 -10.16
C ILE A 21 15.05 9.23 -11.11
N SER A 22 16.14 8.68 -10.58
CA SER A 22 17.28 8.33 -11.42
C SER A 22 16.88 7.30 -12.47
N LEU A 23 16.11 6.28 -12.07
CA LEU A 23 15.71 5.26 -13.03
C LEU A 23 14.91 5.86 -14.18
N VAL A 24 13.92 6.70 -13.86
CA VAL A 24 13.08 7.28 -14.89
C VAL A 24 13.89 8.22 -15.79
N GLN A 25 14.77 9.03 -15.19
CA GLN A 25 15.65 9.87 -16.01
C GLN A 25 16.42 9.05 -17.03
N LYS A 26 17.00 7.93 -16.58
CA LYS A 26 17.84 7.14 -17.47
C LYS A 26 17.01 6.47 -18.56
N ILE A 27 15.83 5.94 -18.21
CA ILE A 27 14.95 5.36 -19.21
C ILE A 27 14.62 6.41 -20.28
N ALA A 28 14.21 7.60 -19.85
CA ALA A 28 13.81 8.64 -20.80
C ALA A 28 14.97 9.06 -21.69
N PHE A 29 16.19 9.08 -21.15
CA PHE A 29 17.33 9.45 -21.98
C PHE A 29 17.75 8.33 -22.92
N SER A 30 17.49 7.08 -22.57
CA SER A 30 17.85 5.91 -23.37
C SER A 30 16.85 5.61 -24.48
N LEU A 31 15.59 5.99 -24.32
CA LEU A 31 14.58 5.67 -25.32
C LEU A 31 14.30 6.89 -26.16
N PRO A 32 14.73 6.95 -27.42
CA PRO A 32 14.49 8.15 -28.24
C PRO A 32 13.01 8.45 -28.37
N GLU A 33 12.69 9.75 -28.46
CA GLU A 33 11.29 10.17 -28.41
C GLU A 33 10.50 9.74 -29.64
N LYS A 34 11.15 9.37 -30.74
CA LYS A 34 10.39 8.92 -31.89
C LYS A 34 9.63 7.63 -31.61
N TYR A 35 10.08 6.84 -30.63
CA TYR A 35 9.47 5.55 -30.39
C TYR A 35 8.09 5.66 -29.75
N PHE A 36 7.82 6.76 -29.03
CA PHE A 36 6.53 6.89 -28.36
C PHE A 36 5.37 7.06 -29.32
N ASP A 37 5.67 7.40 -30.57
CA ASP A 37 4.68 7.34 -31.63
C ASP A 37 4.29 5.90 -31.95
N LYS A 38 5.10 4.93 -31.54
CA LYS A 38 4.89 3.54 -31.93
C LYS A 38 4.60 2.60 -30.76
N VAL A 39 4.85 3.03 -29.53
CA VAL A 39 4.64 2.17 -28.36
C VAL A 39 4.35 3.07 -27.17
N ASP A 40 3.47 2.61 -26.28
CA ASP A 40 3.23 3.26 -25.00
C ASP A 40 4.11 2.61 -23.94
N VAL A 41 4.82 3.42 -23.17
CA VAL A 41 5.71 2.90 -22.14
C VAL A 41 5.33 3.52 -20.81
N THR A 42 5.06 2.69 -19.81
CA THR A 42 4.62 3.17 -18.52
C THR A 42 5.47 2.52 -17.43
N VAL A 43 5.86 3.30 -16.42
CA VAL A 43 6.55 2.78 -15.24
C VAL A 43 5.57 2.73 -14.08
N ILE A 44 5.70 1.69 -13.25
CA ILE A 44 4.74 1.41 -12.18
C ILE A 44 5.48 1.26 -10.85
N PRO A 45 5.78 2.37 -10.19
CA PRO A 45 6.66 2.33 -9.01
C PRO A 45 5.87 2.05 -7.74
N PRO A 46 6.55 1.77 -6.63
CA PRO A 46 5.86 1.72 -5.33
C PRO A 46 5.09 2.99 -5.04
N PHE A 47 4.03 2.84 -4.24
CA PHE A 47 3.20 3.98 -3.88
C PHE A 47 4.03 5.19 -3.45
N THR A 48 5.03 4.95 -2.59
CA THR A 48 5.81 6.03 -1.99
C THR A 48 6.68 6.75 -3.01
N ASP A 49 6.83 6.19 -4.21
CA ASP A 49 7.65 6.76 -5.27
C ASP A 49 6.86 7.55 -6.28
N ILE A 50 5.52 7.40 -6.29
CA ILE A 50 4.73 7.94 -7.39
C ILE A 50 4.81 9.46 -7.44
N ARG A 51 4.69 10.12 -6.28
CA ARG A 51 4.77 11.58 -6.26
C ARG A 51 6.06 12.07 -6.91
N SER A 52 7.19 11.46 -6.54
CA SER A 52 8.47 11.88 -7.10
C SER A 52 8.52 11.65 -8.61
N VAL A 53 7.96 10.54 -9.09
CA VAL A 53 7.93 10.27 -10.53
C VAL A 53 7.02 11.26 -11.24
N GLN A 54 5.89 11.62 -10.61
CA GLN A 54 5.01 12.63 -11.19
C GLN A 54 5.74 13.95 -11.39
N THR A 55 6.39 14.48 -10.34
CA THR A 55 7.01 15.78 -10.48
C THR A 55 8.10 15.77 -11.54
N LEU A 56 8.79 14.63 -11.70
CA LEU A 56 9.80 14.51 -12.75
C LEU A 56 9.16 14.47 -14.14
N ILE A 57 8.18 13.59 -14.33
CA ILE A 57 7.63 13.40 -15.66
C ILE A 57 6.88 14.64 -16.12
N GLU A 58 6.13 15.28 -15.22
CA GLU A 58 5.46 16.53 -15.57
C GLU A 58 6.44 17.70 -15.70
N GLY A 59 7.41 17.79 -14.79
CA GLY A 59 8.36 18.88 -14.82
C GLY A 59 9.22 18.87 -16.07
N ASP A 60 9.64 17.69 -16.52
CA ASP A 60 10.50 17.54 -17.69
C ASP A 60 9.73 17.25 -18.97
N LYS A 61 8.41 17.11 -18.91
CA LYS A 61 7.61 16.82 -20.10
C LYS A 61 8.09 15.55 -20.77
N LEU A 62 8.23 14.48 -19.98
CA LEU A 62 8.61 13.20 -20.52
C LEU A 62 7.39 12.46 -21.06
N LEU A 63 7.62 11.60 -22.04
CA LEU A 63 6.52 10.89 -22.69
C LEU A 63 6.20 9.55 -22.01
N LEU A 64 6.99 9.15 -21.02
CA LEU A 64 6.62 8.02 -20.18
C LEU A 64 5.36 8.35 -19.39
N THR A 65 4.45 7.38 -19.28
CA THR A 65 3.36 7.49 -18.32
C THR A 65 3.73 6.66 -17.09
N TYR A 66 2.80 6.59 -16.13
CA TYR A 66 3.09 5.85 -14.92
C TYR A 66 1.78 5.38 -14.30
N GLY A 67 1.92 4.52 -13.30
CA GLY A 67 0.76 3.93 -12.68
C GLY A 67 1.13 3.34 -11.33
N ALA A 68 0.17 2.63 -10.73
CA ALA A 68 0.39 2.06 -9.41
C ALA A 68 0.25 0.55 -9.45
N GLN A 69 0.78 -0.09 -8.41
CA GLN A 69 0.85 -1.54 -8.30
C GLN A 69 -0.39 -2.17 -7.67
N ASP A 70 -1.34 -1.38 -7.18
CA ASP A 70 -2.53 -1.85 -6.48
C ASP A 70 -3.43 -0.64 -6.24
N VAL A 71 -4.71 -0.92 -5.93
CA VAL A 71 -5.64 0.14 -5.56
C VAL A 71 -6.71 -0.46 -4.65
N SER A 72 -7.24 0.38 -3.75
CA SER A 72 -8.37 -0.03 -2.91
C SER A 72 -9.65 -0.16 -3.72
N ALA A 73 -10.47 -1.14 -3.35
CA ALA A 73 -11.81 -1.22 -3.90
C ALA A 73 -12.73 -0.16 -3.31
N GLU A 74 -12.32 0.52 -2.26
CA GLU A 74 -13.18 1.43 -1.50
C GLU A 74 -12.95 2.88 -1.92
N ASP A 75 -13.97 3.71 -1.69
CA ASP A 75 -13.74 5.15 -1.64
C ASP A 75 -13.13 5.51 -0.29
N SER A 76 -12.70 6.76 -0.15
CA SER A 76 -12.08 7.23 1.09
C SER A 76 -12.81 6.72 2.33
N GLY A 77 -12.03 6.30 3.32
CA GLY A 77 -12.61 5.92 4.60
C GLY A 77 -11.62 5.18 5.48
N ALA A 78 -12.17 4.40 6.40
CA ALA A 78 -11.40 3.80 7.50
C ALA A 78 -10.77 2.47 7.05
N PHE A 79 -9.81 2.59 6.14
CA PHE A 79 -9.12 1.44 5.55
C PHE A 79 -7.62 1.69 5.67
N THR A 80 -7.13 1.56 6.90
CA THR A 80 -5.74 1.85 7.22
C THR A 80 -4.81 1.12 6.25
N GLY A 81 -3.85 1.87 5.68
CA GLY A 81 -2.85 1.31 4.79
C GLY A 81 -3.21 1.29 3.31
N GLU A 82 -4.49 1.43 2.96
CA GLU A 82 -4.93 1.31 1.57
C GLU A 82 -4.89 2.66 0.85
N ILE A 83 -4.77 2.61 -0.48
CA ILE A 83 -4.62 3.79 -1.32
C ILE A 83 -5.77 3.83 -2.30
N SER A 84 -6.47 4.98 -2.39
CA SER A 84 -7.69 5.09 -3.18
C SER A 84 -7.41 5.49 -4.64
N GLY A 85 -8.36 5.14 -5.51
CA GLY A 85 -8.26 5.55 -6.90
C GLY A 85 -8.19 7.06 -7.06
N SER A 86 -8.92 7.81 -6.22
CA SER A 86 -8.89 9.27 -6.31
C SER A 86 -7.50 9.82 -5.96
N MET A 87 -6.82 9.25 -4.95
CA MET A 87 -5.44 9.62 -4.66
C MET A 87 -4.54 9.36 -5.86
N LEU A 88 -4.69 8.19 -6.50
CA LEU A 88 -3.85 7.88 -7.64
C LEU A 88 -4.17 8.79 -8.83
N ALA A 89 -5.44 9.10 -9.04
CA ALA A 89 -5.81 9.98 -10.15
C ALA A 89 -5.22 11.37 -9.96
N LYS A 90 -5.26 11.89 -8.73
CA LYS A 90 -4.70 13.22 -8.46
C LYS A 90 -3.19 13.27 -8.66
N LEU A 91 -2.49 12.16 -8.47
CA LEU A 91 -1.07 12.03 -8.78
C LEU A 91 -0.79 11.90 -10.28
N GLY A 92 -1.81 11.83 -11.12
CA GLY A 92 -1.59 11.73 -12.56
C GLY A 92 -1.31 10.34 -13.07
N CYS A 93 -1.56 9.31 -12.26
CA CYS A 93 -1.44 7.94 -12.75
C CYS A 93 -2.37 7.70 -13.93
N THR A 94 -1.88 6.93 -14.90
CA THR A 94 -2.71 6.46 -15.99
C THR A 94 -3.21 5.03 -15.74
N PHE A 95 -2.35 4.18 -15.20
CA PHE A 95 -2.62 2.74 -15.10
C PHE A 95 -2.61 2.33 -13.64
N VAL A 96 -3.26 1.21 -13.35
CA VAL A 96 -3.11 0.55 -12.06
C VAL A 96 -3.19 -0.96 -12.28
N VAL A 97 -2.20 -1.68 -11.77
CA VAL A 97 -2.20 -3.13 -11.82
C VAL A 97 -3.15 -3.66 -10.75
N VAL A 98 -4.04 -4.59 -11.13
CA VAL A 98 -4.95 -5.19 -10.17
C VAL A 98 -4.91 -6.71 -10.33
N GLY A 99 -4.91 -7.41 -9.20
CA GLY A 99 -4.91 -8.86 -9.24
C GLY A 99 -3.61 -9.50 -9.64
N HIS A 100 -2.48 -8.81 -9.48
CA HIS A 100 -1.20 -9.44 -9.75
C HIS A 100 -1.07 -10.72 -8.94
N SER A 101 -0.39 -11.70 -9.52
CA SER A 101 -0.26 -13.02 -8.90
C SER A 101 0.22 -12.91 -7.47
N GLU A 102 1.23 -12.08 -7.22
CA GLU A 102 1.75 -11.93 -5.87
C GLU A 102 0.67 -11.47 -4.89
N ARG A 103 -0.28 -10.64 -5.34
CA ARG A 103 -1.35 -10.21 -4.45
C ARG A 103 -2.48 -11.22 -4.37
N ARG A 104 -2.77 -11.94 -5.46
CA ARG A 104 -3.77 -13.00 -5.39
C ARG A 104 -3.34 -14.08 -4.38
N THR A 105 -2.05 -14.36 -4.32
CA THR A 105 -1.56 -15.46 -3.49
C THR A 105 -1.19 -15.00 -2.08
N LEU A 106 -0.34 -13.96 -1.97
CA LEU A 106 0.16 -13.49 -0.68
C LEU A 106 -0.86 -12.63 0.08
N HIS A 107 -1.83 -12.02 -0.61
CA HIS A 107 -2.82 -11.17 0.03
C HIS A 107 -4.24 -11.60 -0.28
N SER A 108 -4.41 -12.84 -0.71
CA SER A 108 -5.72 -13.49 -0.76
C SER A 108 -6.75 -12.68 -1.56
N GLU A 109 -6.32 -12.08 -2.65
CA GLU A 109 -7.24 -11.43 -3.57
C GLU A 109 -7.83 -12.47 -4.52
N ASP A 110 -9.15 -12.66 -4.44
CA ASP A 110 -9.83 -13.58 -5.34
C ASP A 110 -10.43 -12.78 -6.50
N ASP A 111 -11.18 -13.47 -7.38
CA ASP A 111 -11.73 -12.82 -8.57
C ASP A 111 -12.66 -11.67 -8.21
N ALA A 112 -13.46 -11.83 -7.15
CA ALA A 112 -14.40 -10.78 -6.76
C ALA A 112 -13.68 -9.53 -6.27
N VAL A 113 -12.55 -9.71 -5.57
CA VAL A 113 -11.79 -8.54 -5.12
C VAL A 113 -11.16 -7.83 -6.30
N VAL A 114 -10.64 -8.58 -7.26
CA VAL A 114 -10.06 -7.97 -8.45
C VAL A 114 -11.11 -7.21 -9.23
N LEU A 115 -12.33 -7.75 -9.33
CA LEU A 115 -13.43 -7.03 -9.97
C LEU A 115 -13.69 -5.71 -9.27
N ALA A 116 -13.75 -5.72 -7.94
CA ALA A 116 -14.05 -4.49 -7.21
C ALA A 116 -12.94 -3.45 -7.36
N LYS A 117 -11.68 -3.90 -7.44
CA LYS A 117 -10.59 -2.96 -7.70
C LYS A 117 -10.65 -2.41 -9.12
N THR A 118 -10.98 -3.26 -10.08
CA THR A 118 -11.19 -2.82 -11.46
C THR A 118 -12.23 -1.71 -11.54
N LYS A 119 -13.36 -1.89 -10.84
CA LYS A 119 -14.42 -0.88 -10.82
C LYS A 119 -13.92 0.43 -10.22
N ALA A 120 -13.14 0.35 -9.13
CA ALA A 120 -12.61 1.55 -8.49
C ALA A 120 -11.64 2.28 -9.41
N ALA A 121 -10.79 1.53 -10.12
CA ALA A 121 -9.93 2.14 -11.13
C ALA A 121 -10.76 2.89 -12.17
N LEU A 122 -11.78 2.23 -12.72
CA LEU A 122 -12.56 2.84 -13.79
C LEU A 122 -13.31 4.06 -13.30
N LYS A 123 -13.83 4.01 -12.07
CA LYS A 123 -14.57 5.15 -11.54
C LYS A 123 -13.70 6.40 -11.44
N ASN A 124 -12.38 6.23 -11.30
CA ASN A 124 -11.46 7.36 -11.14
C ASN A 124 -10.67 7.66 -12.42
N GLY A 125 -11.08 7.11 -13.55
CA GLY A 125 -10.44 7.42 -14.82
C GLY A 125 -9.13 6.73 -15.07
N LEU A 126 -8.75 5.78 -14.22
CA LEU A 126 -7.53 5.00 -14.37
C LEU A 126 -7.78 3.81 -15.29
N THR A 127 -6.70 3.29 -15.89
CA THR A 127 -6.77 2.12 -16.76
C THR A 127 -6.27 0.91 -15.99
N PRO A 128 -7.14 0.02 -15.54
CA PRO A 128 -6.68 -1.16 -14.79
C PRO A 128 -6.03 -2.18 -15.70
N ILE A 129 -4.87 -2.68 -15.27
CA ILE A 129 -4.23 -3.81 -15.94
C ILE A 129 -4.62 -5.04 -15.14
N VAL A 130 -5.59 -5.80 -15.65
CA VAL A 130 -6.19 -6.93 -14.94
C VAL A 130 -5.34 -8.17 -15.21
N CYS A 131 -4.72 -8.71 -14.16
CA CYS A 131 -3.80 -9.82 -14.30
C CYS A 131 -4.48 -11.17 -14.04
N ILE A 132 -4.18 -12.14 -14.91
CA ILE A 132 -4.63 -13.52 -14.75
C ILE A 132 -3.48 -14.44 -15.09
N GLY A 133 -3.59 -15.71 -14.68
CA GLY A 133 -2.55 -16.69 -14.97
C GLY A 133 -2.61 -17.93 -14.11
N GLU A 134 -2.26 -19.07 -14.67
CA GLU A 134 -2.39 -20.37 -14.02
C GLU A 134 -1.06 -20.82 -13.42
N GLY A 135 -1.15 -21.74 -12.45
CA GLY A 135 0.03 -22.30 -11.83
C GLY A 135 0.61 -23.45 -12.64
N LEU A 136 1.82 -23.88 -12.25
CA LEU A 136 2.47 -24.96 -12.99
C LEU A 136 1.61 -26.21 -13.02
N ASN A 137 0.97 -26.54 -11.89
CA ASN A 137 0.15 -27.74 -11.82
C ASN A 137 -1.01 -27.68 -12.81
N ILE A 138 -1.69 -26.54 -12.90
CA ILE A 138 -2.74 -26.38 -13.91
C ILE A 138 -2.15 -26.57 -15.30
N ARG A 139 -1.02 -25.92 -15.57
CA ARG A 139 -0.37 -26.07 -16.87
C ARG A 139 0.01 -27.53 -17.14
N GLU A 140 0.67 -28.17 -16.17
CA GLU A 140 1.12 -29.54 -16.39
C GLU A 140 -0.04 -30.49 -16.67
N ALA A 141 -1.20 -30.22 -16.08
CA ALA A 141 -2.42 -30.98 -16.37
C ALA A 141 -3.07 -30.58 -17.69
N GLY A 142 -2.52 -29.59 -18.39
CA GLY A 142 -3.05 -29.20 -19.68
C GLY A 142 -4.36 -28.45 -19.66
N GLU A 143 -4.76 -27.89 -18.52
CA GLU A 143 -6.03 -27.19 -18.38
C GLU A 143 -5.84 -25.69 -18.21
N HIS A 144 -4.82 -25.13 -18.84
CA HIS A 144 -4.49 -23.73 -18.62
C HIS A 144 -5.49 -22.79 -19.30
N VAL A 145 -5.94 -23.13 -20.51
CA VAL A 145 -6.85 -22.22 -21.20
C VAL A 145 -8.14 -22.03 -20.42
N ALA A 146 -8.76 -23.15 -20.04
CA ALA A 146 -9.98 -23.08 -19.22
C ALA A 146 -9.72 -22.31 -17.93
N TYR A 147 -8.57 -22.52 -17.29
CA TYR A 147 -8.30 -21.88 -16.01
C TYR A 147 -8.30 -20.37 -16.16
N ASN A 148 -7.59 -19.85 -17.17
CA ASN A 148 -7.49 -18.41 -17.36
C ASN A 148 -8.83 -17.80 -17.79
N VAL A 149 -9.65 -18.55 -18.51
CA VAL A 149 -10.94 -18.04 -18.96
C VAL A 149 -11.84 -17.78 -17.76
N ALA A 150 -11.94 -18.75 -16.85
CA ALA A 150 -12.73 -18.54 -15.64
C ALA A 150 -12.21 -17.38 -14.80
N GLN A 151 -10.87 -17.24 -14.70
CA GLN A 151 -10.33 -16.09 -14.01
C GLN A 151 -10.77 -14.80 -14.68
N LEU A 152 -10.73 -14.77 -16.01
CA LEU A 152 -11.16 -13.58 -16.73
C LEU A 152 -12.62 -13.29 -16.48
N ARG A 153 -13.48 -14.31 -16.62
CA ARG A 153 -14.92 -14.16 -16.37
C ARG A 153 -15.19 -13.65 -14.96
N GLY A 154 -14.53 -14.22 -13.96
CA GLY A 154 -14.75 -13.77 -12.59
C GLY A 154 -14.29 -12.35 -12.36
N SER A 155 -13.13 -11.99 -12.92
CA SER A 155 -12.51 -10.70 -12.65
C SER A 155 -13.15 -9.55 -13.42
N LEU A 156 -13.94 -9.83 -14.44
CA LEU A 156 -14.68 -8.82 -15.20
C LEU A 156 -16.19 -8.99 -15.06
N ASP A 157 -16.63 -9.81 -14.10
CA ASP A 157 -18.03 -10.23 -14.07
C ASP A 157 -18.96 -9.03 -13.99
N GLY A 158 -19.91 -8.98 -14.92
CA GLY A 158 -20.96 -7.98 -14.92
C GLY A 158 -20.59 -6.63 -15.50
N LEU A 159 -19.34 -6.43 -15.92
CA LEU A 159 -18.96 -5.15 -16.52
C LEU A 159 -19.61 -4.99 -17.88
N SER A 160 -19.99 -3.75 -18.21
CA SER A 160 -20.56 -3.44 -19.51
C SER A 160 -19.49 -3.47 -20.59
N ALA A 161 -19.94 -3.46 -21.83
CA ALA A 161 -19.01 -3.40 -22.95
C ALA A 161 -18.17 -2.12 -22.90
N ASP A 162 -18.82 -0.99 -22.64
CA ASP A 162 -18.09 0.27 -22.47
C ASP A 162 -17.02 0.14 -21.41
N ASP A 163 -17.34 -0.48 -20.28
CA ASP A 163 -16.35 -0.59 -19.21
C ASP A 163 -15.21 -1.51 -19.59
N ILE A 164 -15.50 -2.68 -20.17
CA ILE A 164 -14.43 -3.58 -20.59
C ILE A 164 -13.53 -2.89 -21.62
N ALA A 165 -14.10 -2.00 -22.45
CA ALA A 165 -13.27 -1.30 -23.43
C ALA A 165 -12.20 -0.41 -22.78
N LYS A 166 -12.30 -0.16 -21.48
CA LYS A 166 -11.34 0.70 -20.78
C LYS A 166 -10.31 -0.08 -19.99
N VAL A 167 -10.30 -1.41 -20.06
CA VAL A 167 -9.38 -2.22 -19.27
C VAL A 167 -8.27 -2.73 -20.17
N VAL A 168 -7.20 -3.19 -19.53
CA VAL A 168 -6.14 -3.94 -20.19
C VAL A 168 -6.05 -5.29 -19.48
N ILE A 169 -5.78 -6.35 -20.23
CA ILE A 169 -5.61 -7.67 -19.62
C ILE A 169 -4.13 -8.03 -19.73
N ALA A 170 -3.59 -8.60 -18.65
CA ALA A 170 -2.23 -9.13 -18.65
C ALA A 170 -2.30 -10.61 -18.31
N TYR A 171 -1.78 -11.46 -19.21
CA TYR A 171 -1.63 -12.89 -18.95
C TYR A 171 -0.23 -13.11 -18.41
N GLU A 172 -0.14 -13.54 -17.15
CA GLU A 172 1.14 -13.83 -16.51
C GLU A 172 1.12 -15.21 -15.87
N PRO A 173 1.51 -16.25 -16.61
CA PRO A 173 1.57 -17.59 -16.01
C PRO A 173 2.48 -17.59 -14.79
N VAL A 174 1.97 -18.13 -13.68
CA VAL A 174 2.68 -18.02 -12.41
C VAL A 174 4.07 -18.67 -12.50
N TRP A 175 4.17 -19.76 -13.26
CA TRP A 175 5.43 -20.46 -13.39
C TRP A 175 6.48 -19.64 -14.15
N ALA A 176 6.09 -18.53 -14.74
CA ALA A 176 7.01 -17.66 -15.46
C ALA A 176 7.41 -16.43 -14.65
N ILE A 177 6.83 -16.22 -13.47
CA ILE A 177 7.13 -15.03 -12.66
C ILE A 177 8.34 -15.29 -11.78
N GLY A 178 9.42 -14.58 -12.05
CA GLY A 178 10.64 -14.63 -11.28
C GLY A 178 11.58 -15.74 -11.64
N THR A 179 11.17 -16.64 -12.53
CA THR A 179 11.79 -17.94 -12.66
C THR A 179 12.83 -18.03 -13.77
N GLY A 180 12.88 -17.05 -14.67
CA GLY A 180 13.67 -17.20 -15.87
C GLY A 180 13.08 -18.15 -16.88
N ARG A 181 11.88 -18.67 -16.63
CA ARG A 181 11.21 -19.63 -17.51
C ARG A 181 10.09 -18.88 -18.23
N VAL A 182 10.45 -18.21 -19.31
CA VAL A 182 9.47 -17.43 -20.08
C VAL A 182 8.66 -18.38 -20.95
N ALA A 183 7.36 -18.10 -21.07
CA ALA A 183 6.53 -18.86 -22.00
C ALA A 183 7.03 -18.67 -23.41
N SER A 184 6.85 -19.71 -24.23
CA SER A 184 7.14 -19.57 -25.65
C SER A 184 6.10 -18.67 -26.30
N ALA A 185 6.45 -18.17 -27.49
CA ALA A 185 5.53 -17.27 -28.19
C ALA A 185 4.19 -17.95 -28.45
N SER A 186 4.21 -19.23 -28.82
CA SER A 186 2.96 -19.93 -29.12
C SER A 186 2.14 -20.15 -27.86
N ASP A 187 2.78 -20.38 -26.71
CA ASP A 187 2.06 -20.49 -25.44
C ASP A 187 1.33 -19.21 -25.11
N ALA A 188 2.05 -18.08 -25.13
CA ALA A 188 1.41 -16.79 -24.88
C ALA A 188 0.28 -16.55 -25.88
N GLN A 189 0.54 -16.86 -27.15
CA GLN A 189 -0.47 -16.64 -28.18
C GLN A 189 -1.73 -17.47 -27.92
N GLU A 190 -1.57 -18.71 -27.47
CA GLU A 190 -2.73 -19.57 -27.26
C GLU A 190 -3.67 -18.98 -26.21
N VAL A 191 -3.11 -18.56 -25.07
CA VAL A 191 -3.97 -18.03 -24.01
C VAL A 191 -4.44 -16.62 -24.35
N CYS A 192 -3.58 -15.78 -24.93
CA CYS A 192 -4.03 -14.43 -25.29
C CYS A 192 -5.07 -14.47 -26.41
N GLY A 193 -4.97 -15.43 -27.33
CA GLY A 193 -6.03 -15.57 -28.31
C GLY A 193 -7.35 -15.98 -27.69
N ALA A 194 -7.30 -16.91 -26.73
CA ALA A 194 -8.50 -17.35 -26.04
C ALA A 194 -9.09 -16.23 -25.19
N ILE A 195 -8.23 -15.42 -24.58
CA ILE A 195 -8.70 -14.28 -23.80
C ILE A 195 -9.53 -13.34 -24.68
N ARG A 196 -9.00 -12.98 -25.84
CA ARG A 196 -9.73 -12.10 -26.74
C ARG A 196 -11.02 -12.76 -27.21
N GLU A 197 -10.99 -14.07 -27.45
CA GLU A 197 -12.20 -14.75 -27.91
C GLU A 197 -13.27 -14.73 -26.83
N GLU A 198 -12.87 -14.84 -25.57
CA GLU A 198 -13.82 -14.73 -24.47
C GLU A 198 -14.28 -13.28 -24.28
N LEU A 199 -13.42 -12.31 -24.60
CA LEU A 199 -13.85 -10.92 -24.57
C LEU A 199 -14.96 -10.64 -25.56
N LYS A 200 -15.04 -11.43 -26.63
CA LYS A 200 -16.16 -11.33 -27.56
C LYS A 200 -17.49 -11.48 -26.83
N GLU A 201 -17.61 -12.53 -26.01
CA GLU A 201 -18.88 -12.78 -25.33
C GLU A 201 -19.12 -11.78 -24.21
N LEU A 202 -18.08 -11.46 -23.45
CA LEU A 202 -18.22 -10.56 -22.31
C LEU A 202 -18.56 -9.14 -22.73
N ALA A 203 -18.21 -8.72 -23.94
CA ALA A 203 -18.47 -7.35 -24.36
C ALA A 203 -18.30 -7.07 -25.85
N SER A 204 -19.06 -7.73 -26.70
CA SER A 204 -19.08 -7.44 -28.14
C SER A 204 -17.75 -7.69 -28.84
N ALA A 205 -17.82 -7.95 -30.16
CA ALA A 205 -16.62 -8.24 -30.94
C ALA A 205 -15.79 -6.99 -31.20
N GLU A 206 -16.45 -5.85 -31.47
CA GLU A 206 -15.72 -4.62 -31.76
C GLU A 206 -14.84 -4.17 -30.58
N VAL A 207 -15.36 -4.26 -29.35
CA VAL A 207 -14.47 -3.88 -28.24
C VAL A 207 -13.45 -4.97 -27.97
N ALA A 208 -13.83 -6.23 -28.19
CA ALA A 208 -12.87 -7.32 -28.04
C ALA A 208 -11.64 -7.09 -28.89
N ALA A 209 -11.83 -6.59 -30.12
CA ALA A 209 -10.71 -6.34 -31.02
C ALA A 209 -9.88 -5.13 -30.61
N GLY A 210 -10.35 -4.32 -29.66
CA GLY A 210 -9.61 -3.15 -29.25
C GLY A 210 -8.89 -3.30 -27.93
N VAL A 211 -9.29 -4.28 -27.13
CA VAL A 211 -8.69 -4.42 -25.81
C VAL A 211 -7.27 -4.95 -25.94
N ARG A 212 -6.35 -4.33 -25.22
CA ARG A 212 -4.95 -4.71 -25.27
C ARG A 212 -4.68 -5.83 -24.29
N VAL A 213 -4.07 -6.91 -24.78
CA VAL A 213 -3.76 -8.09 -23.97
C VAL A 213 -2.25 -8.23 -23.94
N LEU A 214 -1.69 -8.22 -22.73
CA LEU A 214 -0.26 -8.27 -22.52
C LEU A 214 0.18 -9.65 -22.07
N TYR A 215 1.40 -10.02 -22.42
CA TYR A 215 2.04 -11.16 -21.79
C TYR A 215 3.02 -10.67 -20.73
N GLY A 216 3.06 -11.36 -19.60
CA GLY A 216 4.04 -11.07 -18.57
C GLY A 216 4.64 -12.35 -18.04
N GLY A 217 5.88 -12.24 -17.57
CA GLY A 217 6.54 -13.40 -17.00
C GLY A 217 7.91 -13.64 -17.61
N SER A 218 8.94 -13.11 -16.96
CA SER A 218 10.33 -13.28 -17.41
C SER A 218 10.57 -12.62 -18.76
N VAL A 219 9.85 -11.54 -19.04
CA VAL A 219 10.06 -10.80 -20.28
C VAL A 219 11.35 -9.99 -20.18
N ASN A 220 12.14 -10.05 -21.25
CA ASN A 220 13.36 -9.26 -21.34
C ASN A 220 13.60 -8.90 -22.80
N ALA A 221 14.71 -8.20 -23.07
CA ALA A 221 15.01 -7.76 -24.43
C ALA A 221 15.28 -8.93 -25.36
N LYS A 222 15.69 -10.08 -24.84
CA LYS A 222 16.01 -11.22 -25.68
C LYS A 222 14.75 -11.96 -26.16
N ASN A 223 13.69 -12.01 -25.35
CA ASN A 223 12.50 -12.77 -25.72
C ASN A 223 11.28 -11.92 -26.06
N VAL A 224 11.32 -10.60 -25.87
CA VAL A 224 10.11 -9.78 -26.06
C VAL A 224 9.66 -9.80 -27.52
N GLY A 225 10.60 -9.85 -28.45
CA GLY A 225 10.28 -9.70 -29.85
C GLY A 225 9.32 -10.73 -30.42
N GLU A 226 9.65 -12.01 -30.31
CA GLU A 226 8.75 -13.03 -30.83
C GLU A 226 7.45 -13.12 -30.03
N ILE A 227 7.46 -12.69 -28.77
CA ILE A 227 6.23 -12.71 -27.97
C ILE A 227 5.29 -11.61 -28.43
N VAL A 228 5.75 -10.35 -28.37
CA VAL A 228 4.88 -9.24 -28.75
C VAL A 228 4.51 -9.30 -30.23
N GLY A 229 5.35 -9.93 -31.05
CA GLY A 229 5.04 -10.09 -32.47
C GLY A 229 3.80 -10.91 -32.74
N GLN A 230 3.33 -11.69 -31.76
CA GLN A 230 2.18 -12.56 -31.97
C GLN A 230 0.92 -11.73 -32.18
N PRO A 231 -0.02 -12.21 -33.01
CA PRO A 231 -1.15 -11.36 -33.40
C PRO A 231 -2.09 -11.00 -32.26
N ASP A 232 -2.15 -11.80 -31.20
CA ASP A 232 -3.03 -11.53 -30.07
C ASP A 232 -2.31 -10.99 -28.83
N VAL A 233 -1.00 -10.84 -28.87
CA VAL A 233 -0.24 -10.25 -27.77
C VAL A 233 0.07 -8.80 -28.14
N ASP A 234 -0.39 -7.86 -27.30
CA ASP A 234 -0.28 -6.44 -27.61
C ASP A 234 0.81 -5.74 -26.82
N GLY A 235 1.59 -6.44 -26.01
CA GLY A 235 2.55 -5.78 -25.15
C GLY A 235 3.05 -6.73 -24.08
N ALA A 236 3.71 -6.16 -23.08
CA ALA A 236 4.35 -6.95 -22.04
C ALA A 236 4.23 -6.25 -20.69
N LEU A 237 3.89 -7.02 -19.66
CA LEU A 237 4.02 -6.56 -18.28
C LEU A 237 5.36 -7.05 -17.78
N VAL A 238 6.31 -6.12 -17.62
CA VAL A 238 7.71 -6.45 -17.34
C VAL A 238 7.96 -6.35 -15.84
N GLY A 239 8.69 -7.32 -15.30
CA GLY A 239 9.07 -7.27 -13.90
C GLY A 239 10.50 -6.80 -13.69
N GLY A 240 11.41 -7.75 -13.44
CA GLY A 240 12.75 -7.40 -13.02
C GLY A 240 13.49 -6.57 -14.04
N ALA A 241 13.23 -6.82 -15.33
CA ALA A 241 13.85 -6.00 -16.37
C ALA A 241 13.48 -4.52 -16.25
N SER A 242 12.35 -4.20 -15.63
CA SER A 242 11.94 -2.80 -15.59
C SER A 242 12.81 -1.97 -14.65
N LEU A 243 13.61 -2.60 -13.80
CA LEU A 243 14.51 -1.92 -12.88
C LEU A 243 15.85 -1.57 -13.51
N LYS A 244 16.10 -2.04 -14.73
CA LYS A 244 17.36 -1.86 -15.43
C LYS A 244 17.11 -0.95 -16.63
N ALA A 245 17.53 0.32 -16.52
CA ALA A 245 17.18 1.34 -17.51
C ALA A 245 17.56 0.92 -18.93
N ASP A 246 18.80 0.46 -19.12
CA ASP A 246 19.27 0.07 -20.45
C ASP A 246 18.41 -1.06 -21.04
N GLU A 247 18.17 -2.10 -20.25
CA GLU A 247 17.42 -3.24 -20.76
C GLU A 247 15.97 -2.87 -21.02
N PHE A 248 15.37 -2.09 -20.13
CA PHE A 248 13.97 -1.71 -20.28
C PHE A 248 13.78 -0.83 -21.51
N ALA A 249 14.67 0.13 -21.74
CA ALA A 249 14.57 0.96 -22.94
C ALA A 249 14.78 0.11 -24.20
N THR A 250 15.75 -0.81 -24.17
CA THR A 250 15.98 -1.64 -25.34
C THR A 250 14.78 -2.52 -25.66
N LEU A 251 14.20 -3.17 -24.64
CA LEU A 251 13.08 -4.04 -24.95
C LEU A 251 11.84 -3.24 -25.35
N SER A 252 11.70 -2.02 -24.83
CA SER A 252 10.60 -1.15 -25.28
C SER A 252 10.76 -0.80 -26.76
N ALA A 253 11.97 -0.46 -27.19
CA ALA A 253 12.19 -0.13 -28.59
C ALA A 253 11.93 -1.34 -29.48
N ILE A 254 12.26 -2.54 -29.02
CA ILE A 254 12.00 -3.73 -29.83
C ILE A 254 10.50 -3.90 -30.00
N ALA A 255 9.75 -3.78 -28.91
CA ALA A 255 8.29 -3.90 -28.96
C ALA A 255 7.67 -2.91 -29.93
N ALA A 256 8.33 -1.77 -30.17
CA ALA A 256 7.81 -0.75 -31.07
C ALA A 256 8.00 -1.12 -32.54
N GLY A 257 8.89 -2.07 -32.84
CA GLY A 257 9.20 -2.42 -34.21
C GLY A 257 10.53 -1.89 -34.71
N GLY A 258 11.40 -1.39 -33.83
CA GLY A 258 12.69 -0.87 -34.25
C GLY A 258 12.57 0.46 -34.99
N PRO A 259 13.72 1.05 -35.36
CA PRO A 259 13.71 2.36 -36.03
C PRO A 259 13.30 2.29 -37.49
N ALA B 2 9.05 11.15 33.61
CA ALA B 2 7.85 10.44 33.18
C ALA B 2 7.80 10.28 31.67
N ARG B 3 7.04 9.28 31.22
CA ARG B 3 6.86 9.06 29.79
C ARG B 3 6.21 10.28 29.13
N LYS B 4 6.80 10.72 28.04
CA LYS B 4 6.24 11.88 27.35
C LYS B 4 5.01 11.46 26.56
N PRO B 5 3.90 12.19 26.67
CA PRO B 5 2.68 11.81 25.94
C PRO B 5 2.90 11.86 24.43
N LEU B 6 2.15 11.02 23.72
CA LEU B 6 2.24 10.88 22.28
C LEU B 6 0.86 10.87 21.67
N ILE B 7 0.61 11.77 20.72
CA ILE B 7 -0.63 11.82 19.95
C ILE B 7 -0.28 11.46 18.51
N ALA B 8 -0.94 10.44 17.97
CA ALA B 8 -0.68 9.93 16.62
C ALA B 8 -1.96 10.00 15.80
N GLY B 9 -1.96 10.83 14.75
CA GLY B 9 -3.12 11.00 13.89
C GLY B 9 -3.14 10.04 12.72
N ASN B 10 -3.91 8.96 12.83
CA ASN B 10 -4.05 8.00 11.74
C ASN B 10 -5.10 8.53 10.76
N TRP B 11 -4.64 9.06 9.62
CA TRP B 11 -5.56 9.59 8.61
C TRP B 11 -6.37 8.48 7.93
N LYS B 12 -5.90 7.24 7.99
CA LYS B 12 -6.53 6.13 7.28
C LYS B 12 -6.52 6.47 5.79
N MET B 13 -7.51 6.00 5.01
CA MET B 13 -7.49 6.23 3.57
C MET B 13 -8.26 7.51 3.27
N ASN B 14 -7.60 8.63 3.54
CA ASN B 14 -8.19 9.96 3.36
C ASN B 14 -7.12 10.94 2.93
N LEU B 15 -7.47 11.84 2.00
CA LEU B 15 -6.69 13.01 1.55
C LEU B 15 -5.67 12.73 0.45
N ASN B 16 -5.79 13.47 -0.66
CA ASN B 16 -4.76 13.48 -1.69
C ASN B 16 -3.61 14.36 -1.24
N HIS B 17 -2.54 14.46 -2.05
CA HIS B 17 -1.32 15.10 -1.56
C HIS B 17 -1.50 16.62 -1.37
N LEU B 18 -2.41 17.26 -2.13
CA LEU B 18 -2.74 18.67 -1.88
C LEU B 18 -3.47 18.85 -0.56
N GLU B 19 -4.51 18.04 -0.33
CA GLU B 19 -5.24 18.11 0.92
C GLU B 19 -4.32 17.79 2.10
N ALA B 20 -3.33 16.93 1.88
CA ALA B 20 -2.39 16.61 2.95
C ALA B 20 -1.57 17.83 3.34
N ILE B 21 -1.04 18.55 2.35
CA ILE B 21 -0.30 19.78 2.62
C ILE B 21 -1.16 20.74 3.42
N SER B 22 -2.43 20.93 3.01
CA SER B 22 -3.31 21.88 3.69
C SER B 22 -3.51 21.49 5.16
N LEU B 23 -3.78 20.21 5.41
CA LEU B 23 -4.07 19.77 6.77
C LEU B 23 -2.86 19.94 7.68
N VAL B 24 -1.68 19.53 7.21
CA VAL B 24 -0.48 19.64 8.03
C VAL B 24 -0.18 21.10 8.34
N GLN B 25 -0.30 21.98 7.34
CA GLN B 25 -0.11 23.41 7.59
C GLN B 25 -1.03 23.90 8.70
N LYS B 26 -2.31 23.53 8.63
CA LYS B 26 -3.27 24.03 9.61
C LYS B 26 -2.96 23.52 11.01
N ILE B 27 -2.63 22.23 11.13
CA ILE B 27 -2.31 21.68 12.44
C ILE B 27 -1.15 22.47 13.06
N ALA B 28 -0.08 22.66 12.29
CA ALA B 28 1.12 23.31 12.80
C ALA B 28 0.84 24.75 13.20
N PHE B 29 -0.04 25.44 12.50
CA PHE B 29 -0.36 26.80 12.90
C PHE B 29 -1.21 26.82 14.17
N SER B 30 -2.05 25.80 14.36
CA SER B 30 -3.02 25.79 15.43
C SER B 30 -2.42 25.32 16.76
N LEU B 31 -1.33 24.57 16.72
CA LEU B 31 -0.68 24.06 17.93
C LEU B 31 0.58 24.89 18.18
N PRO B 32 0.60 25.77 19.17
CA PRO B 32 1.79 26.60 19.40
C PRO B 32 3.01 25.75 19.69
N GLU B 33 4.18 26.26 19.31
CA GLU B 33 5.41 25.47 19.43
C GLU B 33 5.71 25.11 20.87
N LYS B 34 5.28 25.93 21.84
CA LYS B 34 5.55 25.63 23.24
C LYS B 34 4.99 24.27 23.64
N TYR B 35 3.93 23.81 22.99
CA TYR B 35 3.33 22.53 23.37
C TYR B 35 4.22 21.34 23.04
N PHE B 36 5.15 21.50 22.09
CA PHE B 36 5.91 20.33 21.67
C PHE B 36 6.95 19.91 22.70
N ASP B 37 7.22 20.73 23.71
CA ASP B 37 8.02 20.28 24.84
C ASP B 37 7.26 19.38 25.79
N LYS B 38 5.94 19.29 25.66
CA LYS B 38 5.10 18.53 26.58
C LYS B 38 4.36 17.37 25.92
N VAL B 39 4.35 17.30 24.59
CA VAL B 39 3.64 16.25 23.87
C VAL B 39 4.36 16.04 22.54
N ASP B 40 4.47 14.79 22.12
CA ASP B 40 4.91 14.45 20.77
C ASP B 40 3.67 14.28 19.90
N VAL B 41 3.70 14.87 18.71
CA VAL B 41 2.54 14.84 17.82
C VAL B 41 3.00 14.41 16.44
N THR B 42 2.36 13.35 15.92
CA THR B 42 2.75 12.77 14.64
C THR B 42 1.50 12.60 13.78
N VAL B 43 1.65 12.86 12.48
CA VAL B 43 0.59 12.59 11.51
C VAL B 43 0.96 11.35 10.70
N ILE B 44 -0.05 10.56 10.34
CA ILE B 44 0.20 9.28 9.68
C ILE B 44 -0.57 9.24 8.37
N PRO B 45 -0.05 9.80 7.29
CA PRO B 45 -0.85 9.93 6.08
C PRO B 45 -0.75 8.68 5.23
N PRO B 46 -1.57 8.57 4.20
CA PRO B 46 -1.40 7.49 3.20
C PRO B 46 -0.02 7.55 2.53
N PHE B 47 0.41 6.39 2.02
CA PHE B 47 1.73 6.29 1.41
C PHE B 47 1.95 7.38 0.38
N THR B 48 0.93 7.66 -0.44
CA THR B 48 1.08 8.57 -1.56
C THR B 48 1.19 10.03 -1.11
N ASP B 49 0.92 10.32 0.16
CA ASP B 49 1.04 11.67 0.71
C ASP B 49 2.37 11.90 1.41
N ILE B 50 3.17 10.85 1.65
CA ILE B 50 4.31 10.97 2.55
C ILE B 50 5.37 11.91 1.98
N ARG B 51 5.66 11.82 0.67
CA ARG B 51 6.68 12.70 0.08
C ARG B 51 6.31 14.17 0.29
N SER B 52 5.03 14.50 0.08
CA SER B 52 4.60 15.89 0.21
C SER B 52 4.65 16.33 1.66
N VAL B 53 4.30 15.43 2.58
CA VAL B 53 4.33 15.74 4.01
C VAL B 53 5.78 15.88 4.49
N GLN B 54 6.66 14.97 4.08
CA GLN B 54 8.09 15.10 4.37
C GLN B 54 8.64 16.46 3.93
N THR B 55 8.42 16.82 2.67
CA THR B 55 9.02 18.04 2.15
C THR B 55 8.45 19.28 2.83
N LEU B 56 7.16 19.26 3.19
CA LEU B 56 6.57 20.40 3.87
C LEU B 56 7.11 20.53 5.29
N ILE B 57 7.14 19.41 6.03
CA ILE B 57 7.55 19.46 7.43
C ILE B 57 9.02 19.83 7.54
N GLU B 58 9.87 19.14 6.77
CA GLU B 58 11.28 19.51 6.72
C GLU B 58 11.47 20.90 6.12
N GLY B 59 10.74 21.20 5.04
CA GLY B 59 10.97 22.46 4.33
C GLY B 59 10.58 23.68 5.15
N ASP B 60 9.42 23.63 5.81
CA ASP B 60 8.92 24.72 6.62
C ASP B 60 9.28 24.58 8.10
N LYS B 61 10.15 23.61 8.44
CA LYS B 61 10.63 23.37 9.81
C LYS B 61 9.50 23.31 10.82
N LEU B 62 8.53 22.44 10.54
CA LEU B 62 7.47 22.20 11.51
C LEU B 62 7.95 21.20 12.56
N LEU B 63 7.26 21.18 13.69
CA LEU B 63 7.65 20.31 14.80
C LEU B 63 6.86 19.00 14.84
N LEU B 64 5.86 18.84 13.98
CA LEU B 64 5.22 17.55 13.80
C LEU B 64 6.21 16.52 13.28
N THR B 65 6.03 15.28 13.69
CA THR B 65 6.67 14.17 13.00
C THR B 65 5.63 13.46 12.15
N TYR B 66 6.04 12.40 11.47
CA TYR B 66 5.09 11.68 10.63
C TYR B 66 5.49 10.22 10.57
N GLY B 67 4.59 9.42 9.99
CA GLY B 67 4.77 7.99 9.89
C GLY B 67 3.88 7.42 8.82
N ALA B 68 3.88 6.10 8.67
CA ALA B 68 3.08 5.41 7.67
C ALA B 68 2.08 4.48 8.35
N GLN B 69 1.11 4.01 7.57
CA GLN B 69 0.01 3.21 8.07
C GLN B 69 0.24 1.70 7.97
N ASP B 70 1.35 1.26 7.37
CA ASP B 70 1.66 -0.15 7.13
C ASP B 70 3.11 -0.23 6.64
N VAL B 71 3.68 -1.44 6.70
CA VAL B 71 5.00 -1.70 6.15
C VAL B 71 5.11 -3.19 5.86
N SER B 72 5.90 -3.54 4.84
CA SER B 72 6.11 -4.93 4.50
C SER B 72 7.02 -5.62 5.51
N ALA B 73 6.78 -6.92 5.73
CA ALA B 73 7.73 -7.75 6.43
C ALA B 73 9.01 -8.01 5.63
N GLU B 74 8.98 -7.81 4.31
CA GLU B 74 10.10 -8.14 3.45
C GLU B 74 10.99 -6.91 3.20
N ASP B 75 12.29 -7.17 2.96
CA ASP B 75 13.23 -6.08 2.74
C ASP B 75 13.02 -5.42 1.38
N SER B 76 12.79 -6.22 0.34
CA SER B 76 12.55 -5.75 -1.01
C SER B 76 12.21 -6.97 -1.84
N GLY B 77 11.86 -6.73 -3.10
CA GLY B 77 11.74 -7.81 -4.06
C GLY B 77 10.34 -7.91 -4.63
N ALA B 78 9.95 -9.14 -4.96
CA ALA B 78 8.73 -9.42 -5.75
C ALA B 78 7.52 -9.47 -4.84
N PHE B 79 7.11 -8.28 -4.37
CA PHE B 79 5.96 -8.14 -3.50
C PHE B 79 5.13 -6.96 -4.01
N THR B 80 4.54 -7.16 -5.19
CA THR B 80 3.78 -6.12 -5.88
C THR B 80 2.81 -5.45 -4.91
N GLY B 81 2.93 -4.12 -4.80
CA GLY B 81 2.02 -3.33 -4.00
C GLY B 81 2.49 -3.00 -2.61
N GLU B 82 3.52 -3.69 -2.10
CA GLU B 82 3.98 -3.51 -0.73
C GLU B 82 5.06 -2.43 -0.65
N ILE B 83 5.19 -1.84 0.54
CA ILE B 83 6.12 -0.73 0.81
C ILE B 83 7.09 -1.20 1.88
N SER B 84 8.39 -1.02 1.64
CA SER B 84 9.41 -1.56 2.54
C SER B 84 9.80 -0.57 3.63
N GLY B 85 10.45 -1.09 4.68
CA GLY B 85 10.91 -0.25 5.76
C GLY B 85 11.95 0.76 5.31
N SER B 86 12.79 0.39 4.33
CA SER B 86 13.81 1.31 3.88
C SER B 86 13.24 2.41 3.01
N MET B 87 12.18 2.12 2.24
CA MET B 87 11.48 3.20 1.54
C MET B 87 10.97 4.24 2.53
N LEU B 88 10.36 3.78 3.62
CA LEU B 88 9.77 4.70 4.59
C LEU B 88 10.86 5.47 5.34
N ALA B 89 11.95 4.79 5.70
CA ALA B 89 13.02 5.46 6.41
C ALA B 89 13.66 6.55 5.54
N LYS B 90 13.81 6.27 4.24
CA LYS B 90 14.36 7.28 3.33
C LYS B 90 13.48 8.53 3.25
N LEU B 91 12.16 8.36 3.40
CA LEU B 91 11.25 9.49 3.43
C LEU B 91 11.21 10.21 4.77
N GLY B 92 12.02 9.78 5.75
CA GLY B 92 12.07 10.46 7.03
C GLY B 92 10.96 10.10 7.98
N CYS B 93 10.22 9.01 7.72
CA CYS B 93 9.21 8.55 8.67
C CYS B 93 9.84 8.25 10.02
N THR B 94 9.12 8.62 11.09
CA THR B 94 9.51 8.26 12.44
C THR B 94 8.77 7.01 12.95
N PHE B 95 7.47 6.91 12.65
CA PHE B 95 6.62 5.81 13.14
C PHE B 95 6.07 5.00 11.97
N VAL B 96 5.61 3.79 12.28
CA VAL B 96 4.78 3.03 11.35
C VAL B 96 3.77 2.23 12.15
N VAL B 97 2.49 2.37 11.80
CA VAL B 97 1.43 1.58 12.42
C VAL B 97 1.51 0.16 11.89
N VAL B 98 1.48 -0.81 12.79
CA VAL B 98 1.45 -2.21 12.40
C VAL B 98 0.33 -2.93 13.14
N GLY B 99 -0.38 -3.78 12.41
CA GLY B 99 -1.43 -4.59 12.99
C GLY B 99 -2.68 -3.82 13.36
N HIS B 100 -2.96 -2.70 12.68
CA HIS B 100 -4.24 -2.03 12.92
C HIS B 100 -5.37 -3.02 12.70
N SER B 101 -6.42 -2.89 13.53
CA SER B 101 -7.57 -3.78 13.44
C SER B 101 -8.09 -3.90 12.02
N GLU B 102 -8.11 -2.79 11.27
CA GLU B 102 -8.61 -2.86 9.91
C GLU B 102 -7.74 -3.77 9.03
N ARG B 103 -6.44 -3.84 9.31
CA ARG B 103 -5.59 -4.74 8.54
C ARG B 103 -5.66 -6.17 9.07
N ARG B 104 -5.76 -6.35 10.40
CA ARG B 104 -5.90 -7.70 10.93
C ARG B 104 -7.14 -8.37 10.39
N THR B 105 -8.23 -7.61 10.28
CA THR B 105 -9.50 -8.18 9.81
C THR B 105 -9.56 -8.22 8.29
N LEU B 106 -9.47 -7.06 7.63
CA LEU B 106 -9.69 -7.00 6.18
C LEU B 106 -8.53 -7.58 5.39
N HIS B 107 -7.34 -7.70 5.97
CA HIS B 107 -6.16 -8.15 5.23
C HIS B 107 -5.46 -9.32 5.89
N SER B 108 -6.15 -10.01 6.81
CA SER B 108 -5.71 -11.30 7.34
C SER B 108 -4.29 -11.23 7.88
N GLU B 109 -4.02 -10.19 8.67
CA GLU B 109 -2.75 -10.05 9.37
C GLU B 109 -2.90 -10.69 10.74
N ASP B 110 -2.13 -11.75 10.98
CA ASP B 110 -2.12 -12.43 12.26
C ASP B 110 -0.99 -11.88 13.14
N ASP B 111 -0.90 -12.38 14.37
CA ASP B 111 0.17 -11.94 15.27
C ASP B 111 1.54 -12.13 14.63
N ALA B 112 1.73 -13.25 13.93
CA ALA B 112 3.04 -13.54 13.34
C ALA B 112 3.41 -12.51 12.27
N VAL B 113 2.46 -12.12 11.43
CA VAL B 113 2.69 -11.07 10.44
C VAL B 113 3.01 -9.75 11.12
N VAL B 114 2.28 -9.42 12.18
CA VAL B 114 2.52 -8.17 12.89
C VAL B 114 3.92 -8.18 13.48
N LEU B 115 4.32 -9.29 14.11
CA LEU B 115 5.66 -9.40 14.63
C LEU B 115 6.71 -9.16 13.54
N ALA B 116 6.51 -9.76 12.37
CA ALA B 116 7.49 -9.60 11.29
C ALA B 116 7.56 -8.16 10.82
N LYS B 117 6.40 -7.50 10.72
CA LYS B 117 6.39 -6.09 10.33
C LYS B 117 7.06 -5.23 11.39
N THR B 118 6.90 -5.60 12.65
CA THR B 118 7.58 -4.91 13.74
C THR B 118 9.09 -5.03 13.60
N LYS B 119 9.58 -6.24 13.30
CA LYS B 119 11.01 -6.44 13.11
C LYS B 119 11.52 -5.64 11.92
N ALA B 120 10.77 -5.61 10.82
CA ALA B 120 11.16 -4.80 9.66
C ALA B 120 11.21 -3.32 10.01
N ALA B 121 10.26 -2.85 10.80
CA ALA B 121 10.29 -1.46 11.25
C ALA B 121 11.56 -1.19 12.06
N LEU B 122 11.83 -2.02 13.06
CA LEU B 122 13.03 -1.84 13.88
C LEU B 122 14.30 -1.92 13.04
N LYS B 123 14.32 -2.83 12.06
CA LYS B 123 15.48 -2.98 11.20
C LYS B 123 15.86 -1.66 10.53
N ASN B 124 14.86 -0.82 10.24
CA ASN B 124 15.09 0.41 9.50
C ASN B 124 14.98 1.65 10.37
N GLY B 125 15.12 1.48 11.68
CA GLY B 125 15.10 2.61 12.60
C GLY B 125 13.75 3.25 12.81
N LEU B 126 12.67 2.60 12.39
CA LEU B 126 11.33 3.13 12.56
C LEU B 126 10.77 2.71 13.91
N THR B 127 9.81 3.50 14.40
CA THR B 127 9.17 3.19 15.67
C THR B 127 7.82 2.56 15.39
N PRO B 128 7.68 1.24 15.53
CA PRO B 128 6.39 0.61 15.24
C PRO B 128 5.37 0.91 16.33
N ILE B 129 4.16 1.27 15.91
CA ILE B 129 3.03 1.40 16.81
C ILE B 129 2.22 0.12 16.65
N VAL B 130 2.41 -0.81 17.59
CA VAL B 130 1.85 -2.16 17.51
C VAL B 130 0.43 -2.13 18.09
N CYS B 131 -0.55 -2.37 17.23
CA CYS B 131 -1.96 -2.25 17.61
C CYS B 131 -2.52 -3.58 18.09
N ILE B 132 -3.23 -3.54 19.22
CA ILE B 132 -3.96 -4.70 19.71
C ILE B 132 -5.35 -4.24 20.15
N GLY B 133 -6.28 -5.19 20.25
CA GLY B 133 -7.62 -4.85 20.70
C GLY B 133 -8.65 -5.93 20.46
N GLU B 134 -9.59 -6.08 21.39
CA GLU B 134 -10.58 -7.15 21.36
C GLU B 134 -11.88 -6.68 20.73
N GLY B 135 -12.65 -7.64 20.22
CA GLY B 135 -13.94 -7.37 19.65
C GLY B 135 -15.03 -7.29 20.70
N LEU B 136 -16.21 -6.85 20.23
CA LEU B 136 -17.35 -6.67 21.13
C LEU B 136 -17.64 -7.93 21.94
N ASN B 137 -17.72 -9.09 21.27
CA ASN B 137 -18.10 -10.32 21.98
C ASN B 137 -17.12 -10.66 23.09
N ILE B 138 -15.81 -10.51 22.82
CA ILE B 138 -14.80 -10.77 23.84
C ILE B 138 -15.05 -9.87 25.04
N ARG B 139 -15.30 -8.59 24.79
CA ARG B 139 -15.52 -7.61 25.84
C ARG B 139 -16.77 -7.95 26.66
N GLU B 140 -17.86 -8.31 25.98
CA GLU B 140 -19.10 -8.62 26.70
C GLU B 140 -18.95 -9.84 27.59
N ALA B 141 -18.01 -10.75 27.28
CA ALA B 141 -17.75 -11.90 28.12
C ALA B 141 -16.78 -11.61 29.25
N GLY B 142 -16.22 -10.40 29.32
CA GLY B 142 -15.27 -10.07 30.36
C GLY B 142 -13.90 -10.66 30.15
N GLU B 143 -13.60 -11.13 28.92
CA GLU B 143 -12.35 -11.80 28.60
C GLU B 143 -11.34 -10.85 27.98
N HIS B 144 -11.58 -9.54 28.06
CA HIS B 144 -10.81 -8.59 27.29
C HIS B 144 -9.34 -8.55 27.70
N VAL B 145 -9.07 -8.65 28.99
CA VAL B 145 -7.69 -8.45 29.42
C VAL B 145 -6.81 -9.59 28.92
N ALA B 146 -7.23 -10.84 29.13
CA ALA B 146 -6.48 -12.00 28.67
C ALA B 146 -6.33 -11.98 27.15
N TYR B 147 -7.38 -11.56 26.43
CA TYR B 147 -7.30 -11.50 24.98
C TYR B 147 -6.20 -10.55 24.52
N ASN B 148 -6.13 -9.37 25.14
CA ASN B 148 -5.13 -8.39 24.71
C ASN B 148 -3.72 -8.81 25.10
N VAL B 149 -3.56 -9.43 26.27
CA VAL B 149 -2.25 -9.96 26.65
C VAL B 149 -1.80 -11.03 25.66
N ALA B 150 -2.71 -11.94 25.27
CA ALA B 150 -2.35 -12.96 24.29
C ALA B 150 -1.93 -12.34 22.96
N GLN B 151 -2.68 -11.32 22.51
CA GLN B 151 -2.31 -10.61 21.28
C GLN B 151 -0.94 -9.95 21.41
N LEU B 152 -0.70 -9.32 22.55
CA LEU B 152 0.58 -8.66 22.80
C LEU B 152 1.73 -9.66 22.73
N ARG B 153 1.59 -10.79 23.43
CA ARG B 153 2.66 -11.79 23.46
C ARG B 153 2.91 -12.35 22.06
N GLY B 154 1.86 -12.44 21.24
CA GLY B 154 2.04 -12.95 19.89
C GLY B 154 2.69 -11.94 18.98
N SER B 155 2.31 -10.67 19.11
CA SER B 155 2.81 -9.62 18.27
C SER B 155 4.25 -9.22 18.60
N LEU B 156 4.74 -9.56 19.80
CA LEU B 156 6.13 -9.29 20.19
C LEU B 156 6.95 -10.55 20.41
N ASP B 157 6.45 -11.72 20.03
CA ASP B 157 7.07 -12.98 20.44
C ASP B 157 8.55 -13.00 20.12
N GLY B 158 9.38 -13.26 21.14
CA GLY B 158 10.80 -13.49 20.95
C GLY B 158 11.66 -12.25 20.83
N LEU B 159 11.07 -11.06 20.86
CA LEU B 159 11.86 -9.83 20.80
C LEU B 159 12.67 -9.66 22.08
N SER B 160 13.87 -9.09 21.93
CA SER B 160 14.72 -8.82 23.08
C SER B 160 14.16 -7.63 23.87
N ALA B 161 14.66 -7.47 25.09
CA ALA B 161 14.23 -6.31 25.88
C ALA B 161 14.62 -5.01 25.20
N ASP B 162 15.83 -4.95 24.61
CA ASP B 162 16.25 -3.75 23.90
C ASP B 162 15.33 -3.43 22.74
N ASP B 163 14.86 -4.46 22.02
CA ASP B 163 13.97 -4.19 20.90
C ASP B 163 12.57 -3.79 21.36
N ILE B 164 12.11 -4.34 22.49
CA ILE B 164 10.78 -3.93 22.94
C ILE B 164 10.79 -2.46 23.35
N ALA B 165 11.90 -1.98 23.93
CA ALA B 165 11.99 -0.58 24.34
C ALA B 165 11.82 0.39 23.19
N LYS B 166 11.91 -0.09 21.94
CA LYS B 166 11.80 0.74 20.76
C LYS B 166 10.42 0.73 20.13
N VAL B 167 9.47 0.00 20.70
CA VAL B 167 8.12 -0.06 20.15
C VAL B 167 7.20 0.85 20.95
N VAL B 168 6.04 1.16 20.37
CA VAL B 168 4.90 1.76 21.05
C VAL B 168 3.74 0.78 20.92
N ILE B 169 2.89 0.70 21.94
CA ILE B 169 1.69 -0.15 21.89
C ILE B 169 0.46 0.73 21.81
N ALA B 170 -0.50 0.37 20.96
CA ALA B 170 -1.78 1.06 20.91
C ALA B 170 -2.89 0.06 21.22
N TYR B 171 -3.59 0.30 22.33
CA TYR B 171 -4.78 -0.47 22.66
C TYR B 171 -5.98 0.23 22.03
N GLU B 172 -6.57 -0.43 21.03
CA GLU B 172 -7.75 0.06 20.32
C GLU B 172 -8.82 -1.03 20.30
N PRO B 173 -9.72 -1.05 21.28
CA PRO B 173 -10.79 -2.05 21.21
C PRO B 173 -11.59 -1.88 19.93
N VAL B 174 -11.84 -3.01 19.27
CA VAL B 174 -12.48 -2.97 17.96
C VAL B 174 -13.84 -2.30 18.06
N TRP B 175 -14.57 -2.55 19.15
CA TRP B 175 -15.90 -1.98 19.32
C TRP B 175 -15.88 -0.46 19.48
N ALA B 176 -14.72 0.15 19.73
CA ALA B 176 -14.60 1.60 19.84
C ALA B 176 -14.11 2.30 18.58
N ILE B 177 -13.81 1.58 17.50
CA ILE B 177 -13.19 2.19 16.33
C ILE B 177 -14.28 2.78 15.44
N GLY B 178 -14.30 4.11 15.34
CA GLY B 178 -15.24 4.81 14.48
C GLY B 178 -16.70 4.73 14.88
N THR B 179 -17.02 4.12 16.03
CA THR B 179 -18.39 3.88 16.46
C THR B 179 -18.94 4.95 17.38
N GLY B 180 -18.09 5.83 17.91
CA GLY B 180 -18.48 6.74 18.96
C GLY B 180 -18.61 6.10 20.33
N ARG B 181 -18.22 4.85 20.49
CA ARG B 181 -18.34 4.12 21.76
C ARG B 181 -16.96 4.07 22.40
N VAL B 182 -16.49 5.23 22.87
CA VAL B 182 -15.17 5.33 23.45
C VAL B 182 -15.09 4.51 24.74
N ALA B 183 -13.93 3.92 25.00
CA ALA B 183 -13.71 3.26 26.28
C ALA B 183 -13.76 4.27 27.42
N SER B 184 -14.33 3.87 28.54
CA SER B 184 -14.23 4.72 29.71
C SER B 184 -12.77 4.84 30.14
N ALA B 185 -12.46 5.94 30.83
CA ALA B 185 -11.09 6.12 31.32
C ALA B 185 -10.62 4.90 32.10
N SER B 186 -11.46 4.40 33.02
CA SER B 186 -11.06 3.26 33.84
C SER B 186 -10.91 2.00 32.98
N ASP B 187 -11.72 1.84 31.93
CA ASP B 187 -11.57 0.67 31.07
C ASP B 187 -10.27 0.73 30.30
N ALA B 188 -9.91 1.91 29.78
CA ALA B 188 -8.63 2.08 29.12
C ALA B 188 -7.48 1.81 30.07
N GLN B 189 -7.56 2.37 31.28
CA GLN B 189 -6.51 2.13 32.28
C GLN B 189 -6.35 0.65 32.59
N GLU B 190 -7.48 -0.08 32.70
CA GLU B 190 -7.41 -1.50 33.06
C GLU B 190 -6.54 -2.28 32.06
N VAL B 191 -6.78 -2.08 30.77
CA VAL B 191 -6.05 -2.84 29.77
C VAL B 191 -4.64 -2.30 29.61
N CYS B 192 -4.49 -0.98 29.58
CA CYS B 192 -3.16 -0.39 29.44
C CYS B 192 -2.24 -0.75 30.61
N GLY B 193 -2.79 -0.82 31.83
CA GLY B 193 -2.00 -1.29 32.95
C GLY B 193 -1.61 -2.76 32.81
N ALA B 194 -2.54 -3.59 32.32
CA ALA B 194 -2.23 -5.01 32.09
C ALA B 194 -1.14 -5.17 31.04
N ILE B 195 -1.16 -4.33 30.00
CA ILE B 195 -0.14 -4.37 28.95
C ILE B 195 1.24 -4.07 29.53
N ARG B 196 1.34 -3.00 30.31
CA ARG B 196 2.62 -2.65 30.93
C ARG B 196 3.08 -3.75 31.88
N GLU B 197 2.16 -4.37 32.60
CA GLU B 197 2.54 -5.47 33.48
C GLU B 197 3.12 -6.63 32.68
N GLU B 198 2.54 -6.91 31.53
CA GLU B 198 3.05 -8.01 30.71
C GLU B 198 4.38 -7.65 30.08
N LEU B 199 4.58 -6.38 29.74
CA LEU B 199 5.87 -5.95 29.21
C LEU B 199 6.99 -6.20 30.20
N LYS B 200 6.70 -6.13 31.51
CA LYS B 200 7.73 -6.47 32.49
C LYS B 200 8.22 -7.90 32.32
N GLU B 201 7.35 -8.82 31.89
CA GLU B 201 7.77 -10.21 31.73
C GLU B 201 8.49 -10.42 30.40
N LEU B 202 7.95 -9.84 29.34
CA LEU B 202 8.52 -10.01 28.00
C LEU B 202 9.86 -9.30 27.87
N ALA B 203 10.05 -8.22 28.63
CA ALA B 203 11.27 -7.42 28.56
C ALA B 203 11.88 -7.29 29.95
N SER B 204 11.53 -6.23 30.68
CA SER B 204 12.02 -6.04 32.05
C SER B 204 11.22 -4.90 32.67
N ALA B 205 11.33 -4.77 34.00
CA ALA B 205 10.62 -3.70 34.70
C ALA B 205 11.03 -2.35 34.16
N GLU B 206 12.33 -2.14 33.95
CA GLU B 206 12.82 -0.84 33.50
C GLU B 206 12.35 -0.53 32.09
N VAL B 207 12.36 -1.53 31.21
CA VAL B 207 11.86 -1.32 29.85
C VAL B 207 10.36 -1.06 29.87
N ALA B 208 9.61 -1.85 30.63
CA ALA B 208 8.17 -1.66 30.73
C ALA B 208 7.82 -0.26 31.22
N ALA B 209 8.62 0.30 32.13
CA ALA B 209 8.35 1.63 32.65
C ALA B 209 8.52 2.74 31.61
N GLY B 210 9.17 2.45 30.48
CA GLY B 210 9.44 3.47 29.49
C GLY B 210 8.60 3.36 28.24
N VAL B 211 8.06 2.16 27.98
CA VAL B 211 7.30 1.93 26.77
C VAL B 211 6.00 2.72 26.81
N ARG B 212 5.73 3.48 25.75
CA ARG B 212 4.50 4.27 25.67
C ARG B 212 3.34 3.40 25.19
N VAL B 213 2.25 3.41 25.97
CA VAL B 213 1.04 2.66 25.66
C VAL B 213 -0.06 3.67 25.38
N LEU B 214 -0.60 3.66 24.16
CA LEU B 214 -1.66 4.58 23.76
C LEU B 214 -3.04 3.92 23.81
N TYR B 215 -4.07 4.75 23.97
CA TYR B 215 -5.45 4.32 23.72
C TYR B 215 -5.97 4.89 22.39
N GLY B 216 -6.79 4.09 21.70
CA GLY B 216 -7.45 4.54 20.49
C GLY B 216 -8.86 3.98 20.40
N GLY B 217 -9.68 4.65 19.60
CA GLY B 217 -11.06 4.24 19.44
C GLY B 217 -12.01 5.36 19.82
N SER B 218 -12.38 6.18 18.83
CA SER B 218 -13.34 7.27 19.01
C SER B 218 -12.82 8.32 19.98
N VAL B 219 -11.51 8.58 19.95
CA VAL B 219 -10.92 9.67 20.70
C VAL B 219 -11.29 11.01 20.05
N ASN B 220 -11.61 11.99 20.88
CA ASN B 220 -11.77 13.35 20.39
C ASN B 220 -11.45 14.32 21.53
N ALA B 221 -11.53 15.62 21.25
CA ALA B 221 -11.15 16.62 22.23
C ALA B 221 -11.95 16.52 23.52
N LYS B 222 -13.17 15.97 23.45
CA LYS B 222 -14.02 15.95 24.62
C LYS B 222 -13.67 14.83 25.59
N ASN B 223 -13.14 13.72 25.09
CA ASN B 223 -12.90 12.57 25.94
C ASN B 223 -11.42 12.25 26.12
N VAL B 224 -10.53 12.98 25.45
CA VAL B 224 -9.12 12.61 25.50
C VAL B 224 -8.54 12.83 26.90
N GLY B 225 -8.96 13.91 27.57
CA GLY B 225 -8.29 14.33 28.79
C GLY B 225 -8.35 13.28 29.89
N GLU B 226 -9.56 12.80 30.19
CA GLU B 226 -9.74 11.81 31.24
C GLU B 226 -8.97 10.52 30.93
N ILE B 227 -8.89 10.17 29.65
CA ILE B 227 -8.25 8.91 29.27
C ILE B 227 -6.74 9.03 29.38
N VAL B 228 -6.16 10.08 28.78
CA VAL B 228 -4.71 10.21 28.81
C VAL B 228 -4.22 10.61 30.19
N GLY B 229 -5.09 11.14 31.05
CA GLY B 229 -4.70 11.42 32.44
C GLY B 229 -4.49 10.18 33.28
N GLN B 230 -4.89 9.01 32.79
CA GLN B 230 -4.70 7.78 33.54
C GLN B 230 -3.22 7.42 33.60
N PRO B 231 -2.77 6.79 34.70
CA PRO B 231 -1.32 6.62 34.90
C PRO B 231 -0.64 5.72 33.88
N ASP B 232 -1.30 4.68 33.37
CA ASP B 232 -0.65 3.79 32.40
C ASP B 232 -1.04 4.08 30.95
N VAL B 233 -1.76 5.17 30.69
CA VAL B 233 -2.15 5.57 29.34
C VAL B 233 -1.31 6.79 28.95
N ASP B 234 -0.50 6.63 27.90
CA ASP B 234 0.51 7.63 27.55
C ASP B 234 0.16 8.47 26.32
N GLY B 235 -1.07 8.40 25.83
CA GLY B 235 -1.42 9.17 24.66
C GLY B 235 -2.55 8.49 23.90
N ALA B 236 -2.73 8.90 22.65
CA ALA B 236 -3.83 8.39 21.86
C ALA B 236 -3.44 8.15 20.42
N LEU B 237 -4.03 7.10 19.84
CA LEU B 237 -4.03 6.84 18.40
C LEU B 237 -5.38 7.31 17.88
N VAL B 238 -5.38 8.42 17.15
CA VAL B 238 -6.59 9.13 16.78
C VAL B 238 -7.06 8.72 15.38
N GLY B 239 -8.37 8.57 15.21
CA GLY B 239 -8.93 8.24 13.92
C GLY B 239 -9.45 9.47 13.20
N GLY B 240 -10.78 9.56 13.04
CA GLY B 240 -11.38 10.63 12.24
C GLY B 240 -11.01 12.03 12.70
N ALA B 241 -10.85 12.26 14.00
CA ALA B 241 -10.55 13.61 14.45
C ALA B 241 -9.20 14.10 13.96
N SER B 242 -8.31 13.19 13.53
CA SER B 242 -7.02 13.61 12.99
C SER B 242 -7.16 14.37 11.67
N LEU B 243 -8.31 14.31 11.01
CA LEU B 243 -8.54 15.00 9.76
C LEU B 243 -9.05 16.43 9.95
N LYS B 244 -9.35 16.83 11.19
CA LYS B 244 -9.88 18.14 11.54
C LYS B 244 -8.78 18.89 12.29
N ALA B 245 -8.12 19.82 11.61
CA ALA B 245 -6.90 20.41 12.16
C ALA B 245 -7.13 21.01 13.55
N ASP B 246 -8.21 21.79 13.72
CA ASP B 246 -8.46 22.44 15.01
C ASP B 246 -8.74 21.42 16.11
N GLU B 247 -9.58 20.42 15.83
CA GLU B 247 -9.84 19.41 16.84
C GLU B 247 -8.58 18.65 17.20
N PHE B 248 -7.81 18.24 16.18
CA PHE B 248 -6.59 17.49 16.44
C PHE B 248 -5.61 18.31 17.26
N ALA B 249 -5.48 19.59 16.94
CA ALA B 249 -4.62 20.46 17.75
C ALA B 249 -5.13 20.56 19.18
N THR B 250 -6.44 20.70 19.36
CA THR B 250 -6.99 20.85 20.70
C THR B 250 -6.76 19.60 21.54
N LEU B 251 -7.05 18.43 20.99
CA LEU B 251 -6.82 17.23 21.78
C LEU B 251 -5.34 17.05 22.08
N SER B 252 -4.45 17.44 21.17
CA SER B 252 -3.02 17.43 21.47
C SER B 252 -2.68 18.35 22.63
N ALA B 253 -3.22 19.57 22.62
CA ALA B 253 -2.93 20.51 23.70
C ALA B 253 -3.51 20.01 25.03
N ILE B 254 -4.66 19.34 24.99
CA ILE B 254 -5.19 18.74 26.21
C ILE B 254 -4.24 17.67 26.73
N ALA B 255 -3.73 16.82 25.82
CA ALA B 255 -2.84 15.75 26.22
C ALA B 255 -1.55 16.28 26.83
N ALA B 256 -1.10 17.45 26.40
CA ALA B 256 0.09 18.07 26.95
C ALA B 256 -0.13 18.68 28.32
N GLY B 257 -1.34 18.58 28.87
CA GLY B 257 -1.65 19.21 30.14
C GLY B 257 -2.37 20.53 29.93
C TRS C . 9.61 -10.86 -13.47
C1 TRS C . 10.50 -10.29 -12.34
C2 TRS C . 8.11 -10.60 -13.25
C3 TRS C . 9.87 -12.34 -13.70
N TRS C . 9.94 -10.25 -14.79
O1 TRS C . 9.95 -10.55 -11.05
O2 TRS C . 7.51 -10.38 -14.51
O3 TRS C . 8.79 -12.86 -14.43
H11 TRS C . 10.61 -9.35 -12.50
H12 TRS C . 11.38 -10.69 -12.42
H21 TRS C . 8.02 -9.84 -12.66
H22 TRS C . 7.73 -11.36 -12.79
H31 TRS C . 9.98 -12.77 -12.84
H32 TRS C . 10.72 -12.43 -14.18
HN1 TRS C . 9.58 -9.45 -14.90
HN2 TRS C . 9.66 -10.75 -15.48
HN3 TRS C . 10.83 -10.14 -14.90
HO1 TRS C . 9.65 -9.81 -10.74
HO2 TRS C . 6.67 -10.50 -14.43
HO3 TRS C . 8.09 -12.77 -13.97
NA NA D . 1.38 -8.31 -31.35
NA NA E . -1.24 9.25 31.19
#